data_4Q95
#
_entry.id   4Q95
#
_cell.length_a   63.123
_cell.length_b   63.123
_cell.length_c   157.965
_cell.angle_alpha   90.00
_cell.angle_beta   90.00
_cell.angle_gamma   90.00
#
_symmetry.space_group_name_H-M   'P 43 21 2'
#
loop_
_entity.id
_entity.type
_entity.pdbx_description
1 polymer 'HRAS-like suppressor 3, Lecithin retinol acyltransferase'
2 non-polymer 'HEPTANOIC ACID'
3 water water
#
_entity_poly.entity_id   1
_entity_poly.type   'polypeptide(L)'
_entity_poly.pdbx_seq_one_letter_code
;GCGSRAPIPEPKPGDLIEIFRPFYRHWAIYVGDGYVVHLAPDILLALTNDKERTQKVVSNKRLLLGVICKVAIVKKELLY
DVAGSDKYQVNNKHDDKYSPLPCSKIIQRAEELVGQEVLYKLTSENCEHFVNELRYGVARSDQEFIVTD
;
_entity_poly.pdbx_strand_id   A,B
#
loop_
_chem_comp.id
_chem_comp.type
_chem_comp.name
_chem_comp.formula
SHV non-polymer 'HEPTANOIC ACID' 'C7 H14 O2'
#
# COMPACT_ATOMS: atom_id res chain seq x y z
N PRO A 9 -12.45 -36.02 7.52
CA PRO A 9 -12.66 -35.36 8.81
C PRO A 9 -12.82 -33.80 8.72
N GLU A 10 -14.03 -33.34 8.42
CA GLU A 10 -14.27 -31.96 8.00
C GLU A 10 -13.94 -30.94 9.11
N PRO A 11 -13.43 -29.77 8.71
CA PRO A 11 -13.27 -28.66 9.62
C PRO A 11 -14.60 -28.17 10.17
N LYS A 12 -14.53 -27.47 11.29
CA LYS A 12 -15.67 -26.82 11.89
C LYS A 12 -15.61 -25.35 11.56
N PRO A 13 -16.75 -24.68 11.58
CA PRO A 13 -16.72 -23.25 11.37
C PRO A 13 -15.77 -22.56 12.37
N GLY A 14 -15.00 -21.60 11.86
CA GLY A 14 -14.00 -20.86 12.65
C GLY A 14 -12.60 -21.47 12.72
N ASP A 15 -12.43 -22.69 12.19
CA ASP A 15 -11.13 -23.40 12.23
C ASP A 15 -10.09 -22.77 11.30
N LEU A 16 -8.89 -22.59 11.79
CA LEU A 16 -7.79 -22.16 10.96
C LEU A 16 -7.27 -23.39 10.16
N ILE A 17 -6.99 -23.16 8.88
CA ILE A 17 -6.52 -24.20 7.96
C ILE A 17 -5.16 -23.82 7.48
N GLU A 18 -4.22 -24.72 7.68
CA GLU A 18 -2.88 -24.51 7.17
C GLU A 18 -2.72 -25.44 5.96
N ILE A 19 -2.44 -24.84 4.80
CA ILE A 19 -2.24 -25.55 3.54
C ILE A 19 -0.75 -25.60 3.19
N PHE A 20 -0.26 -26.81 2.92
CA PHE A 20 1.16 -27.06 2.73
C PHE A 20 1.46 -26.93 1.25
N ARG A 21 1.64 -25.73 0.74
CA ARG A 21 2.07 -25.60 -0.65
C ARG A 21 3.56 -25.86 -0.76
N PRO A 22 4.04 -26.14 -1.98
CA PRO A 22 5.42 -26.56 -2.08
C PRO A 22 6.46 -25.58 -1.46
N PHE A 23 6.25 -24.27 -1.54
CA PHE A 23 7.27 -23.34 -1.03
C PHE A 23 6.87 -22.49 0.16
N TYR A 24 5.61 -22.58 0.56
CA TYR A 24 5.15 -21.75 1.66
C TYR A 24 3.86 -22.35 2.18
N ARG A 25 3.48 -21.91 3.36
CA ARG A 25 2.23 -22.32 4.00
C ARG A 25 1.17 -21.25 3.82
N HIS A 26 0.02 -21.69 3.35
CA HIS A 26 -1.04 -20.79 3.00
C HIS A 26 -2.10 -20.97 4.04
N TRP A 27 -2.63 -19.88 4.60
CA TRP A 27 -3.59 -19.98 5.70
C TRP A 27 -4.93 -19.53 5.24
N ALA A 28 -5.96 -20.13 5.84
CA ALA A 28 -7.30 -19.81 5.55
C ALA A 28 -8.11 -20.02 6.80
N ILE A 29 -9.35 -19.53 6.82
CA ILE A 29 -10.27 -19.81 7.91
C ILE A 29 -11.57 -20.38 7.35
N TYR A 30 -12.03 -21.48 7.95
CA TYR A 30 -13.21 -22.18 7.51
C TYR A 30 -14.45 -21.40 7.97
N VAL A 31 -15.42 -21.24 7.08
CA VAL A 31 -16.61 -20.45 7.43
C VAL A 31 -17.88 -21.22 7.22
N GLY A 32 -17.78 -22.49 6.81
CA GLY A 32 -18.97 -23.31 6.64
C GLY A 32 -19.27 -23.76 5.23
N ASP A 33 -19.95 -24.89 5.15
CA ASP A 33 -20.48 -25.39 3.90
C ASP A 33 -19.41 -25.44 2.78
N GLY A 34 -18.21 -25.93 3.10
CA GLY A 34 -17.15 -26.10 2.09
C GLY A 34 -16.25 -24.89 1.87
N TYR A 35 -16.58 -23.75 2.46
CA TYR A 35 -15.89 -22.51 2.13
C TYR A 35 -14.90 -22.07 3.19
N VAL A 36 -13.82 -21.48 2.68
CA VAL A 36 -12.93 -20.71 3.48
C VAL A 36 -12.89 -19.25 3.04
N VAL A 37 -12.50 -18.41 4.00
CA VAL A 37 -12.08 -17.07 3.72
C VAL A 37 -10.58 -17.04 3.89
N HIS A 38 -9.92 -16.34 2.97
CA HIS A 38 -8.48 -16.21 3.05
C HIS A 38 -7.98 -14.96 2.37
N LEU A 39 -6.78 -14.56 2.74
CA LEU A 39 -6.04 -13.50 2.09
C LEU A 39 -5.23 -14.10 0.95
N ALA A 40 -5.64 -13.83 -0.29
CA ALA A 40 -5.04 -14.37 -1.46
C ALA A 40 -4.13 -13.37 -2.17
N PRO A 41 -2.93 -13.82 -2.62
CA PRO A 41 -2.02 -13.00 -3.42
C PRO A 41 -2.63 -12.67 -4.75
N ASP A 42 -2.59 -11.39 -5.14
CA ASP A 42 -3.18 -10.96 -6.40
C ASP A 42 -2.44 -9.72 -6.80
N ILE A 43 -1.31 -9.93 -7.46
CA ILE A 43 -0.36 -8.88 -7.70
C ILE A 43 -0.64 -8.24 -9.02
N LEU A 44 -0.88 -6.92 -9.01
CA LEU A 44 -1.38 -6.19 -10.15
C LEU A 44 -0.91 -4.74 -10.10
N LEU A 45 -0.50 -4.24 -11.27
CA LEU A 45 -0.37 -2.84 -11.50
C LEU A 45 -1.54 -2.51 -12.37
N ALA A 46 -2.24 -1.43 -12.07
CA ALA A 46 -3.28 -0.95 -12.96
C ALA A 46 -3.21 0.58 -12.95
N LEU A 47 -3.38 1.17 -14.12
CA LEU A 47 -3.44 2.59 -14.31
C LEU A 47 -4.79 3.02 -13.80
N THR A 48 -4.84 4.19 -13.17
CA THR A 48 -6.09 4.70 -12.69
C THR A 48 -6.42 6.08 -13.31
N ASN A 49 -7.55 6.15 -13.98
CA ASN A 49 -7.93 7.33 -14.74
C ASN A 49 -8.43 8.50 -13.91
N ASP A 50 -8.13 9.71 -14.37
CA ASP A 50 -8.49 10.95 -13.66
C ASP A 50 -9.97 11.20 -13.92
N LYS A 51 -10.75 11.18 -12.85
CA LYS A 51 -12.21 11.36 -12.96
C LYS A 51 -12.66 12.80 -12.67
N GLU A 52 -11.86 13.58 -11.91
CA GLU A 52 -12.30 14.92 -11.45
C GLU A 52 -12.86 15.71 -12.63
N ARG A 53 -12.11 15.72 -13.72
CA ARG A 53 -12.52 16.39 -14.92
C ARG A 53 -13.49 15.56 -15.80
N THR A 54 -13.92 14.35 -15.34
CA THR A 54 -14.89 13.47 -16.09
C THR A 54 -16.10 14.15 -16.77
N GLN A 55 -16.95 14.81 -15.98
CA GLN A 55 -18.15 15.50 -16.49
C GLN A 55 -17.90 16.86 -17.12
N LYS A 56 -16.63 17.23 -17.31
CA LYS A 56 -16.24 18.55 -17.87
C LYS A 56 -14.97 18.46 -18.80
N VAL A 57 -14.89 17.33 -19.50
CA VAL A 57 -14.00 17.11 -20.64
C VAL A 57 -13.95 18.27 -21.70
N VAL A 58 -12.73 18.79 -21.96
CA VAL A 58 -12.41 19.65 -23.13
C VAL A 58 -11.21 19.21 -24.02
N SER A 59 -10.39 18.26 -23.56
CA SER A 59 -9.53 17.44 -24.46
C SER A 59 -9.99 15.97 -24.57
N ASN A 60 -9.58 15.26 -25.62
CA ASN A 60 -9.79 13.79 -25.66
C ASN A 60 -8.63 12.98 -25.06
N LYS A 61 -7.56 13.67 -24.67
CA LYS A 61 -6.47 13.05 -23.89
C LYS A 61 -6.99 12.30 -22.69
N ARG A 62 -6.73 11.02 -22.61
CA ARG A 62 -6.97 10.31 -21.36
C ARG A 62 -6.00 10.82 -20.29
N LEU A 63 -6.51 11.22 -19.13
CA LEU A 63 -5.68 11.74 -18.03
C LEU A 63 -5.70 10.73 -16.92
N LEU A 64 -4.62 10.70 -16.15
CA LEU A 64 -4.40 9.72 -15.09
C LEU A 64 -4.32 10.38 -13.72
N LEU A 65 -4.85 9.72 -12.67
CA LEU A 65 -4.52 10.05 -11.27
C LEU A 65 -3.18 9.43 -10.93
N GLY A 66 -2.90 8.23 -11.48
CA GLY A 66 -1.76 7.46 -11.05
C GLY A 66 -1.80 5.97 -11.42
N VAL A 67 -1.10 5.19 -10.60
CA VAL A 67 -1.06 3.73 -10.72
C VAL A 67 -1.37 3.09 -9.36
N ILE A 68 -2.14 2.03 -9.39
CA ILE A 68 -2.45 1.22 -8.20
C ILE A 68 -1.59 -0.04 -8.18
N CYS A 69 -0.88 -0.29 -7.07
CA CYS A 69 -0.18 -1.55 -6.87
C CYS A 69 -0.94 -2.33 -5.86
N LYS A 70 -1.53 -3.40 -6.35
CA LYS A 70 -2.33 -4.27 -5.54
C LYS A 70 -1.45 -5.50 -5.25
N VAL A 71 -1.49 -5.97 -4.01
CA VAL A 71 -0.76 -7.17 -3.64
C VAL A 71 -1.63 -8.37 -3.24
N ALA A 72 -2.75 -8.13 -2.58
CA ALA A 72 -3.60 -9.21 -2.12
C ALA A 72 -5.05 -8.76 -2.03
N ILE A 73 -5.94 -9.73 -1.98
CA ILE A 73 -7.37 -9.52 -1.83
C ILE A 73 -7.96 -10.66 -0.98
N VAL A 74 -8.92 -10.32 -0.13
CA VAL A 74 -9.58 -11.32 0.71
C VAL A 74 -10.63 -11.95 -0.13
N LYS A 75 -10.56 -13.27 -0.24
CA LYS A 75 -11.54 -14.03 -1.02
C LYS A 75 -12.31 -15.04 -0.18
N LYS A 76 -13.43 -15.45 -0.71
CA LYS A 76 -14.19 -16.53 -0.16
C LYS A 76 -14.29 -17.56 -1.27
N GLU A 77 -13.74 -18.76 -1.06
CA GLU A 77 -13.70 -19.81 -2.06
C GLU A 77 -13.84 -21.14 -1.36
N LEU A 78 -14.07 -22.18 -2.16
CA LEU A 78 -14.17 -23.52 -1.67
C LEU A 78 -12.78 -24.00 -1.24
N LEU A 79 -12.74 -24.59 -0.06
CA LEU A 79 -11.55 -25.26 0.42
C LEU A 79 -10.89 -26.17 -0.63
N TYR A 80 -11.72 -26.94 -1.33
CA TYR A 80 -11.23 -27.89 -2.30
C TYR A 80 -10.42 -27.22 -3.39
N ASP A 81 -10.84 -26.01 -3.80
CA ASP A 81 -10.15 -25.23 -4.82
C ASP A 81 -8.90 -24.57 -4.26
N VAL A 82 -8.96 -24.13 -3.02
CA VAL A 82 -7.85 -23.39 -2.48
C VAL A 82 -6.71 -24.37 -2.20
N ALA A 83 -7.06 -25.55 -1.72
CA ALA A 83 -6.06 -26.57 -1.43
C ALA A 83 -5.45 -27.11 -2.72
N GLY A 84 -6.25 -27.24 -3.76
CA GLY A 84 -5.82 -27.86 -5.02
C GLY A 84 -5.30 -29.25 -4.71
N SER A 85 -4.07 -29.54 -5.13
CA SER A 85 -3.42 -30.84 -4.84
C SER A 85 -2.53 -30.79 -3.60
N ASP A 86 -2.47 -29.64 -2.92
CA ASP A 86 -1.69 -29.55 -1.69
C ASP A 86 -2.46 -30.10 -0.50
N LYS A 87 -1.77 -30.71 0.45
CA LYS A 87 -2.38 -31.13 1.70
C LYS A 87 -2.56 -29.99 2.67
N TYR A 88 -3.49 -30.18 3.58
CA TYR A 88 -3.76 -29.18 4.60
C TYR A 88 -4.18 -29.82 5.91
N GLN A 89 -4.12 -29.08 7.00
CA GLN A 89 -4.65 -29.53 8.29
C GLN A 89 -5.39 -28.37 8.99
N VAL A 90 -6.32 -28.73 9.87
CA VAL A 90 -6.80 -27.81 10.91
C VAL A 90 -5.64 -27.52 11.88
N ASN A 91 -5.41 -26.27 12.22
CA ASN A 91 -4.37 -25.90 13.16
C ASN A 91 -4.79 -24.61 13.92
N ASN A 92 -5.59 -24.81 14.96
CA ASN A 92 -5.98 -23.79 15.91
C ASN A 92 -4.94 -23.56 16.98
N LYS A 93 -3.83 -23.04 16.52
CA LYS A 93 -2.53 -23.04 17.21
C LYS A 93 -2.50 -22.39 18.61
N HIS A 94 -3.35 -21.38 18.82
CA HIS A 94 -3.31 -20.63 20.07
C HIS A 94 -4.51 -20.87 21.04
N ASP A 95 -5.26 -21.93 20.81
CA ASP A 95 -6.33 -22.33 21.71
C ASP A 95 -5.85 -22.62 23.12
N ASP A 96 -4.58 -22.98 23.29
CA ASP A 96 -3.94 -23.15 24.61
C ASP A 96 -3.55 -21.81 25.30
N LYS A 97 -3.57 -20.69 24.59
CA LYS A 97 -3.15 -19.41 25.16
C LYS A 97 -4.33 -18.51 25.57
N TYR A 98 -5.35 -18.51 24.74
CA TYR A 98 -6.57 -17.76 24.99
C TYR A 98 -7.61 -18.45 24.14
N SER A 99 -8.86 -18.23 24.46
CA SER A 99 -9.94 -18.92 23.80
C SER A 99 -10.37 -18.18 22.55
N PRO A 100 -10.84 -18.93 21.55
CA PRO A 100 -11.41 -18.36 20.34
C PRO A 100 -12.60 -17.41 20.61
N LEU A 101 -12.92 -16.53 19.67
CA LEU A 101 -14.20 -15.81 19.73
C LEU A 101 -15.33 -16.81 19.50
N PRO A 102 -16.58 -16.41 19.86
CA PRO A 102 -17.71 -17.29 19.50
C PRO A 102 -17.76 -17.51 18.00
N CYS A 103 -18.11 -18.71 17.59
CA CYS A 103 -17.97 -19.14 16.21
C CYS A 103 -18.84 -18.34 15.21
N SER A 104 -20.04 -17.95 15.61
CA SER A 104 -20.87 -17.09 14.73
C SER A 104 -20.23 -15.70 14.49
N LYS A 105 -19.52 -15.21 15.52
CA LYS A 105 -18.84 -13.91 15.48
C LYS A 105 -17.64 -14.00 14.56
N ILE A 106 -16.90 -15.10 14.65
CA ILE A 106 -15.76 -15.33 13.76
C ILE A 106 -16.18 -15.23 12.31
N ILE A 107 -17.28 -15.90 11.94
CA ILE A 107 -17.75 -16.02 10.55
C ILE A 107 -18.37 -14.73 10.05
N GLN A 108 -19.06 -14.03 10.94
CA GLN A 108 -19.54 -12.73 10.62
C GLN A 108 -18.43 -11.76 10.26
N ARG A 109 -17.36 -11.77 11.06
CA ARG A 109 -16.27 -10.86 10.80
C ARG A 109 -15.54 -11.30 9.53
N ALA A 110 -15.41 -12.61 9.31
CA ALA A 110 -14.71 -13.08 8.11
C ALA A 110 -15.44 -12.71 6.84
N GLU A 111 -16.76 -12.88 6.82
CA GLU A 111 -17.55 -12.57 5.63
C GLU A 111 -17.45 -11.11 5.29
N GLU A 112 -17.50 -10.22 6.28
CA GLU A 112 -17.38 -8.76 6.04
C GLU A 112 -16.13 -8.28 5.34
N LEU A 113 -15.01 -8.97 5.53
CA LEU A 113 -13.76 -8.55 4.95
C LEU A 113 -13.61 -8.97 3.50
N VAL A 114 -14.48 -9.84 3.02
CA VAL A 114 -14.33 -10.34 1.66
C VAL A 114 -14.32 -9.17 0.71
N GLY A 115 -13.39 -9.20 -0.25
CA GLY A 115 -13.29 -8.12 -1.23
C GLY A 115 -12.34 -7.00 -0.81
N GLN A 116 -11.94 -6.92 0.46
CA GLN A 116 -10.88 -6.01 0.86
C GLN A 116 -9.57 -6.33 0.18
N GLU A 117 -8.84 -5.28 -0.19
CA GLU A 117 -7.61 -5.36 -0.97
C GLU A 117 -6.47 -4.70 -0.22
N VAL A 118 -5.27 -5.26 -0.39
CA VAL A 118 -4.05 -4.71 0.14
C VAL A 118 -3.39 -4.03 -1.06
N LEU A 119 -3.22 -2.69 -0.98
CA LEU A 119 -2.76 -1.91 -2.12
C LEU A 119 -2.08 -0.57 -1.77
N TYR A 120 -1.41 0.01 -2.75
CA TYR A 120 -0.88 1.37 -2.64
C TYR A 120 -1.18 2.17 -3.88
N LYS A 121 -1.71 3.39 -3.70
CA LYS A 121 -2.06 4.28 -4.79
C LYS A 121 -0.97 5.31 -5.02
N LEU A 122 -0.21 5.13 -6.08
CA LEU A 122 0.82 6.06 -6.38
C LEU A 122 0.20 7.02 -7.38
N THR A 123 -0.39 8.04 -6.79
CA THR A 123 -1.18 9.04 -7.48
C THR A 123 -0.68 10.44 -7.17
N SER A 124 -1.17 11.39 -7.94
CA SER A 124 -0.90 12.78 -7.74
C SER A 124 -1.26 13.17 -6.34
N GLU A 125 -2.44 12.77 -5.91
CA GLU A 125 -2.94 13.08 -4.59
C GLU A 125 -2.04 12.59 -3.51
N ASN A 126 -1.59 11.36 -3.68
CA ASN A 126 -0.70 10.82 -2.72
C ASN A 126 0.63 11.60 -2.63
N CYS A 127 1.18 11.97 -3.79
CA CYS A 127 2.38 12.75 -3.82
C CYS A 127 2.17 14.16 -3.23
N GLU A 128 1.00 14.75 -3.47
CA GLU A 128 0.67 16.04 -2.87
C GLU A 128 0.59 15.93 -1.36
N HIS A 129 -0.05 14.88 -0.83
CA HIS A 129 -0.01 14.62 0.64
C HIS A 129 1.41 14.48 1.13
N PHE A 130 2.26 13.82 0.39
CA PHE A 130 3.63 13.69 0.85
C PHE A 130 4.35 15.06 0.97
N VAL A 131 4.30 15.89 -0.07
CA VAL A 131 4.97 17.19 0.00
C VAL A 131 4.29 18.12 0.96
N ASN A 132 2.97 18.00 1.14
CA ASN A 132 2.27 18.82 2.14
C ASN A 132 2.70 18.52 3.55
N GLU A 133 3.03 17.28 3.77
CA GLU A 133 3.49 16.86 5.05
C GLU A 133 4.88 17.50 5.36
N LEU A 134 5.76 17.57 4.39
CA LEU A 134 7.03 18.28 4.53
C LEU A 134 6.85 19.78 4.70
N ARG A 135 6.01 20.42 3.92
CA ARG A 135 5.87 21.88 4.05
C ARG A 135 5.10 22.34 5.29
N TYR A 136 4.13 21.58 5.72
CA TYR A 136 3.23 22.03 6.77
C TYR A 136 3.27 21.19 8.02
N GLY A 137 3.94 20.04 7.98
CA GLY A 137 3.91 19.11 9.12
C GLY A 137 2.55 18.46 9.36
N VAL A 138 1.64 18.63 8.41
CA VAL A 138 0.31 18.02 8.46
C VAL A 138 0.55 16.54 8.16
N ALA A 139 0.25 15.69 9.15
CA ALA A 139 0.43 14.22 9.02
C ALA A 139 -0.55 13.53 8.01
N ARG A 140 -0.17 12.35 7.58
CA ARG A 140 -0.86 11.71 6.45
C ARG A 140 -1.23 10.25 6.78
N SER A 141 -2.23 9.76 6.05
CA SER A 141 -2.90 8.46 6.34
C SER A 141 -2.50 7.33 5.39
N ASP A 142 -1.60 7.66 4.46
CA ASP A 142 -1.54 6.98 3.17
C ASP A 142 -0.12 6.59 2.71
N GLN A 143 0.88 6.93 3.54
CA GLN A 143 2.32 6.81 3.21
C GLN A 143 2.83 5.35 2.95
N GLU A 144 1.95 4.38 3.11
CA GLU A 144 2.35 2.99 3.14
C GLU A 144 1.22 2.29 2.49
N PHE A 145 1.40 1.03 2.10
CA PHE A 145 0.30 0.23 1.61
C PHE A 145 -0.82 0.26 2.64
N ILE A 146 -2.06 0.16 2.21
CA ILE A 146 -3.18 0.10 3.09
C ILE A 146 -4.06 -1.08 2.77
N VAL A 147 -4.96 -1.36 3.70
CA VAL A 147 -6.07 -2.24 3.49
C VAL A 147 -7.30 -1.38 3.38
N THR A 148 -8.06 -1.61 2.32
CA THR A 148 -9.31 -0.88 2.04
C THR A 148 -10.47 -1.28 2.92
N ASP A 149 -11.40 -0.34 3.17
CA ASP A 149 -12.65 -0.60 3.94
C ASP A 149 -13.78 -1.18 3.06
N PRO B 7 12.72 35.61 -17.65
CA PRO B 7 11.78 34.50 -17.42
C PRO B 7 11.04 34.63 -16.07
N ILE B 8 10.82 33.50 -15.40
CA ILE B 8 10.05 33.41 -14.16
C ILE B 8 11.02 33.09 -13.00
N PRO B 9 10.87 33.80 -11.89
CA PRO B 9 11.82 33.60 -10.80
C PRO B 9 11.98 32.13 -10.31
N GLU B 10 13.20 31.78 -9.89
CA GLU B 10 13.50 30.48 -9.27
C GLU B 10 12.59 30.27 -8.03
N PRO B 11 12.22 29.01 -7.76
CA PRO B 11 11.58 28.68 -6.51
C PRO B 11 12.43 29.01 -5.28
N LYS B 12 11.79 29.11 -4.14
CA LYS B 12 12.45 29.30 -2.88
C LYS B 12 12.50 27.98 -2.17
N PRO B 13 13.44 27.85 -1.27
CA PRO B 13 13.41 26.65 -0.45
C PRO B 13 12.05 26.45 0.23
N GLY B 14 11.61 25.21 0.22
CA GLY B 14 10.32 24.81 0.79
C GLY B 14 9.11 24.87 -0.08
N ASP B 15 9.26 25.47 -1.28
CA ASP B 15 8.17 25.63 -2.22
C ASP B 15 7.72 24.26 -2.78
N LEU B 16 6.41 24.06 -2.84
CA LEU B 16 5.84 22.95 -3.54
C LEU B 16 5.82 23.24 -5.03
N ILE B 17 6.21 22.22 -5.80
CA ILE B 17 6.31 22.30 -7.25
C ILE B 17 5.35 21.32 -7.85
N GLU B 18 4.52 21.82 -8.74
CA GLU B 18 3.55 21.02 -9.44
C GLU B 18 4.01 20.92 -10.88
N ILE B 19 4.36 19.71 -11.30
CA ILE B 19 4.87 19.45 -12.66
C ILE B 19 3.73 18.89 -13.53
N PHE B 20 3.54 19.49 -14.69
CA PHE B 20 2.42 19.12 -15.57
C PHE B 20 2.90 18.13 -16.58
N ARG B 21 3.00 16.85 -16.23
CA ARG B 21 3.30 15.86 -17.25
C ARG B 21 2.13 15.61 -18.17
N PRO B 22 2.36 15.01 -19.35
CA PRO B 22 1.24 14.92 -20.27
C PRO B 22 -0.02 14.21 -19.75
N PHE B 23 0.13 13.18 -18.93
CA PHE B 23 -1.03 12.42 -18.49
C PHE B 23 -1.35 12.60 -17.00
N TYR B 24 -0.47 13.26 -16.25
CA TYR B 24 -0.67 13.31 -14.79
C TYR B 24 0.18 14.44 -14.21
N ARG B 25 -0.13 14.84 -12.99
CA ARG B 25 0.62 15.90 -12.29
C ARG B 25 1.51 15.29 -11.24
N HIS B 26 2.76 15.74 -11.26
CA HIS B 26 3.80 15.18 -10.42
C HIS B 26 4.25 16.22 -9.42
N TRP B 27 4.27 15.90 -8.13
CA TRP B 27 4.61 16.88 -7.10
C TRP B 27 6.03 16.66 -6.58
N ALA B 28 6.64 17.75 -6.15
CA ALA B 28 7.99 17.73 -5.60
C ALA B 28 8.08 18.92 -4.60
N ILE B 29 9.16 19.00 -3.83
CA ILE B 29 9.42 20.12 -2.99
C ILE B 29 10.84 20.60 -3.23
N TYR B 30 10.99 21.93 -3.39
CA TYR B 30 12.27 22.55 -3.60
C TYR B 30 13.09 22.61 -2.32
N VAL B 31 14.36 22.23 -2.39
CA VAL B 31 15.19 22.19 -1.20
C VAL B 31 16.47 23.00 -1.37
N GLY B 32 16.65 23.67 -2.49
CA GLY B 32 17.78 24.54 -2.68
C GLY B 32 18.76 24.14 -3.75
N ASP B 33 19.45 25.15 -4.26
CA ASP B 33 20.55 24.99 -5.17
C ASP B 33 20.21 24.05 -6.33
N GLY B 34 19.03 24.24 -6.91
CA GLY B 34 18.57 23.46 -8.07
C GLY B 34 17.82 22.14 -7.78
N TYR B 35 17.78 21.73 -6.51
CA TYR B 35 17.28 20.40 -6.19
C TYR B 35 15.89 20.40 -5.63
N VAL B 36 15.17 19.35 -6.01
CA VAL B 36 13.96 18.97 -5.33
C VAL B 36 14.07 17.60 -4.66
N VAL B 37 13.21 17.43 -3.67
CA VAL B 37 12.90 16.13 -3.11
C VAL B 37 11.49 15.78 -3.56
N HIS B 38 11.32 14.54 -3.97
CA HIS B 38 10.02 14.05 -4.41
C HIS B 38 9.87 12.53 -4.23
N LEU B 39 8.62 12.08 -4.18
CA LEU B 39 8.24 10.68 -4.14
C LEU B 39 8.11 10.20 -5.56
N ALA B 40 9.05 9.36 -5.98
CA ALA B 40 9.16 8.92 -7.35
C ALA B 40 8.76 7.45 -7.50
N PRO B 41 8.14 7.08 -8.63
CA PRO B 41 7.86 5.64 -8.89
C PRO B 41 9.12 4.79 -9.03
N ASP B 42 9.14 3.62 -8.41
CA ASP B 42 10.28 2.71 -8.41
C ASP B 42 9.74 1.31 -8.18
N ILE B 43 9.38 0.63 -9.26
CA ILE B 43 8.60 -0.59 -9.11
C ILE B 43 9.46 -1.81 -9.27
N LEU B 44 9.43 -2.67 -8.26
CA LEU B 44 10.32 -3.87 -8.18
C LEU B 44 9.54 -4.91 -7.42
N LEU B 45 9.45 -6.14 -7.94
CA LEU B 45 8.85 -7.26 -7.22
C LEU B 45 9.90 -8.28 -7.09
N ALA B 46 10.13 -8.80 -5.90
CA ALA B 46 11.18 -9.74 -5.70
C ALA B 46 10.74 -10.84 -4.77
N LEU B 47 11.09 -12.07 -5.11
CA LEU B 47 10.89 -13.26 -4.28
C LEU B 47 12.07 -13.49 -3.42
N THR B 48 11.86 -13.60 -2.12
CA THR B 48 12.97 -13.74 -1.21
C THR B 48 12.81 -14.95 -0.27
N ASN B 49 13.93 -15.39 0.29
CA ASN B 49 13.96 -16.43 1.33
C ASN B 49 14.46 -15.91 2.68
N ASP B 50 13.51 -15.54 3.51
CA ASP B 50 13.78 -15.19 4.89
C ASP B 50 14.15 -16.46 5.65
N LYS B 51 14.85 -16.24 6.75
CA LYS B 51 15.43 -17.30 7.57
C LYS B 51 14.58 -17.47 8.84
N GLU B 52 14.98 -18.39 9.71
CA GLU B 52 14.17 -18.81 10.87
C GLU B 52 13.09 -19.79 10.42
N ARG B 62 14.50 -24.74 7.36
CA ARG B 62 13.26 -24.20 6.78
C ARG B 62 13.36 -22.69 6.53
N LEU B 63 13.15 -22.27 5.28
CA LEU B 63 13.15 -20.85 4.93
C LEU B 63 11.72 -20.41 4.62
N LEU B 64 11.43 -19.13 4.89
CA LEU B 64 10.11 -18.59 4.75
C LEU B 64 10.16 -17.75 3.49
N LEU B 65 9.38 -18.17 2.50
CA LEU B 65 9.36 -17.53 1.21
C LEU B 65 8.57 -16.24 1.34
N GLY B 66 9.00 -15.20 0.63
CA GLY B 66 8.35 -13.91 0.73
C GLY B 66 8.33 -13.14 -0.56
N VAL B 67 7.43 -12.19 -0.64
CA VAL B 67 7.31 -11.35 -1.85
C VAL B 67 7.44 -9.91 -1.41
N ILE B 68 8.45 -9.23 -1.92
CA ILE B 68 8.58 -7.81 -1.64
C ILE B 68 8.15 -6.97 -2.84
N CYS B 69 7.15 -6.10 -2.65
CA CYS B 69 6.68 -5.16 -3.71
C CYS B 69 7.06 -3.77 -3.33
N LYS B 70 7.96 -3.20 -4.08
CA LYS B 70 8.38 -1.82 -3.91
C LYS B 70 7.68 -1.05 -4.98
N VAL B 71 7.09 0.08 -4.63
CA VAL B 71 6.40 0.93 -5.65
C VAL B 71 6.94 2.34 -5.77
N ALA B 72 7.54 2.88 -4.72
CA ALA B 72 8.06 4.25 -4.77
C ALA B 72 9.23 4.41 -3.85
N ILE B 73 10.01 5.45 -4.14
CA ILE B 73 11.15 5.81 -3.32
C ILE B 73 11.28 7.34 -3.32
N VAL B 74 11.67 7.92 -2.20
CA VAL B 74 11.89 9.37 -2.11
C VAL B 74 13.28 9.67 -2.65
N LYS B 75 13.34 10.51 -3.67
CA LYS B 75 14.59 10.89 -4.27
C LYS B 75 14.92 12.36 -4.13
N LYS B 76 16.20 12.65 -4.29
CA LYS B 76 16.65 14.02 -4.39
C LYS B 76 17.32 14.18 -5.72
N GLU B 77 16.78 15.04 -6.58
CA GLU B 77 17.29 15.23 -7.94
C GLU B 77 17.15 16.68 -8.30
N LEU B 78 17.80 17.05 -9.38
CA LEU B 78 17.70 18.37 -9.90
C LEU B 78 16.31 18.57 -10.49
N LEU B 79 15.72 19.71 -10.17
CA LEU B 79 14.46 20.15 -10.79
C LEU B 79 14.48 20.06 -12.30
N TYR B 80 15.59 20.47 -12.89
CA TYR B 80 15.71 20.48 -14.33
C TYR B 80 15.56 19.08 -14.92
N ASP B 81 16.03 18.05 -14.21
CA ASP B 81 15.96 16.65 -14.64
C ASP B 81 14.58 16.05 -14.37
N VAL B 82 13.96 16.44 -13.25
CA VAL B 82 12.67 15.89 -12.91
C VAL B 82 11.63 16.47 -13.87
N ALA B 83 11.72 17.77 -14.16
CA ALA B 83 10.73 18.42 -14.99
C ALA B 83 10.89 17.98 -16.44
N GLY B 84 12.13 17.74 -16.86
CA GLY B 84 12.39 17.36 -18.24
C GLY B 84 11.87 18.46 -19.12
N SER B 85 11.04 18.10 -20.09
CA SER B 85 10.44 19.10 -20.98
C SER B 85 9.06 19.56 -20.49
N ASP B 86 8.59 19.02 -19.37
CA ASP B 86 7.26 19.38 -18.86
C ASP B 86 7.34 20.70 -18.11
N LYS B 87 6.26 21.47 -18.20
CA LYS B 87 6.17 22.70 -17.43
C LYS B 87 5.76 22.43 -16.01
N TYR B 88 6.15 23.36 -15.16
CA TYR B 88 5.85 23.27 -13.75
C TYR B 88 5.59 24.67 -13.19
N GLN B 89 4.97 24.72 -12.02
CA GLN B 89 4.78 25.97 -11.30
C GLN B 89 5.02 25.73 -9.81
N VAL B 90 5.40 26.79 -9.11
CA VAL B 90 5.29 26.84 -7.67
C VAL B 90 3.80 26.87 -7.35
N ASN B 91 3.36 26.11 -6.35
CA ASN B 91 1.97 26.10 -5.93
C ASN B 91 1.86 25.68 -4.45
N ASN B 92 2.03 26.68 -3.61
CA ASN B 92 1.88 26.56 -2.18
C ASN B 92 0.45 26.82 -1.84
N LYS B 93 -0.46 26.02 -2.36
CA LYS B 93 -1.88 26.39 -2.29
C LYS B 93 -2.59 26.26 -0.96
N HIS B 94 -1.95 25.65 0.02
CA HIS B 94 -2.50 25.58 1.36
C HIS B 94 -1.94 26.64 2.34
N ASP B 95 -1.14 27.60 1.84
CA ASP B 95 -0.67 28.71 2.69
C ASP B 95 -1.80 29.53 3.28
N ASP B 96 -2.99 29.52 2.69
CA ASP B 96 -4.13 30.21 3.29
C ASP B 96 -4.67 29.60 4.60
N LYS B 97 -4.57 28.28 4.73
CA LYS B 97 -5.17 27.55 5.87
C LYS B 97 -4.14 26.89 6.80
N TYR B 98 -2.94 26.55 6.30
CA TYR B 98 -1.90 26.05 7.19
C TYR B 98 -0.70 26.97 7.22
N SER B 99 0.02 26.96 8.34
CA SER B 99 1.30 27.63 8.46
C SER B 99 2.32 26.78 7.80
N PRO B 100 3.02 27.28 6.81
CA PRO B 100 4.17 26.45 6.51
C PRO B 100 5.15 26.49 7.67
N LEU B 101 5.95 25.44 7.78
CA LEU B 101 7.05 25.42 8.77
C LEU B 101 8.15 26.39 8.35
N PRO B 102 9.03 26.78 9.27
CA PRO B 102 10.17 27.58 8.84
C PRO B 102 10.91 26.86 7.74
N CYS B 103 11.39 27.62 6.76
CA CYS B 103 11.88 27.04 5.52
C CYS B 103 13.12 26.18 5.74
N SER B 104 13.97 26.54 6.68
CA SER B 104 15.10 25.70 7.05
C SER B 104 14.70 24.37 7.71
N LYS B 105 13.57 24.35 8.39
CA LYS B 105 13.09 23.12 8.97
C LYS B 105 12.51 22.23 7.89
N ILE B 106 11.79 22.82 6.94
CA ILE B 106 11.16 22.06 5.84
C ILE B 106 12.20 21.27 5.11
N ILE B 107 13.32 21.90 4.79
CA ILE B 107 14.34 21.25 3.94
C ILE B 107 15.15 20.22 4.68
N GLN B 108 15.36 20.47 5.96
CA GLN B 108 15.98 19.49 6.82
C GLN B 108 15.16 18.22 6.91
N ARG B 109 13.85 18.35 7.05
CA ARG B 109 12.97 17.21 7.13
C ARG B 109 12.87 16.50 5.80
N ALA B 110 12.90 17.27 4.70
CA ALA B 110 12.86 16.66 3.36
C ALA B 110 14.11 15.82 3.06
N GLU B 111 15.27 16.32 3.43
CA GLU B 111 16.54 15.62 3.20
C GLU B 111 16.57 14.32 3.95
N GLU B 112 16.06 14.30 5.18
CA GLU B 112 15.99 13.08 5.97
C GLU B 112 15.24 11.92 5.33
N LEU B 113 14.21 12.22 4.55
CA LEU B 113 13.37 11.14 4.00
C LEU B 113 13.97 10.51 2.76
N VAL B 114 15.01 11.12 2.24
CA VAL B 114 15.57 10.65 0.99
C VAL B 114 15.97 9.20 1.16
N GLY B 115 15.62 8.36 0.20
CA GLY B 115 15.99 6.94 0.25
C GLY B 115 14.91 6.09 0.88
N GLN B 116 13.96 6.72 1.54
CA GLN B 116 12.85 5.98 2.09
C GLN B 116 11.95 5.37 0.98
N GLU B 117 11.46 4.14 1.20
CA GLU B 117 10.76 3.35 0.21
C GLU B 117 9.36 3.06 0.63
N VAL B 118 8.46 2.97 -0.34
CA VAL B 118 7.12 2.46 -0.08
C VAL B 118 7.08 1.02 -0.57
N LEU B 119 6.85 0.10 0.34
CA LEU B 119 6.92 -1.30 0.00
C LEU B 119 6.05 -2.17 0.90
N TYR B 120 5.66 -3.30 0.33
CA TYR B 120 4.88 -4.30 1.07
C TYR B 120 5.63 -5.62 1.08
N LYS B 121 5.78 -6.22 2.25
CA LYS B 121 6.40 -7.56 2.37
C LYS B 121 5.30 -8.62 2.65
N LEU B 122 5.04 -9.49 1.67
CA LEU B 122 4.05 -10.55 1.84
C LEU B 122 4.69 -11.96 2.06
N THR B 123 4.51 -12.51 3.25
CA THR B 123 4.85 -13.89 3.59
C THR B 123 3.61 -14.60 4.11
N SER B 124 3.75 -15.90 4.31
CA SER B 124 2.78 -16.68 5.07
C SER B 124 2.37 -16.08 6.46
N GLU B 125 3.27 -15.38 7.14
CA GLU B 125 2.95 -14.71 8.42
C GLU B 125 1.80 -13.74 8.30
N ASN B 126 1.75 -12.98 7.23
CA ASN B 126 0.69 -11.99 7.07
C ASN B 126 -0.65 -12.70 7.04
N CYS B 127 -0.71 -13.84 6.35
CA CYS B 127 -1.96 -14.59 6.21
C CYS B 127 -2.35 -15.26 7.50
N GLU B 128 -1.37 -15.75 8.22
CA GLU B 128 -1.60 -16.33 9.52
C GLU B 128 -2.07 -15.27 10.55
N HIS B 129 -1.43 -14.10 10.59
CA HIS B 129 -1.91 -13.04 11.47
C HIS B 129 -3.32 -12.66 11.06
N PHE B 130 -3.59 -12.60 9.77
CA PHE B 130 -4.92 -12.26 9.33
C PHE B 130 -5.99 -13.21 9.88
N VAL B 131 -5.80 -14.52 9.72
CA VAL B 131 -6.81 -15.47 10.21
C VAL B 131 -6.82 -15.56 11.74
N ASN B 132 -5.69 -15.38 12.40
CA ASN B 132 -5.72 -15.35 13.87
C ASN B 132 -6.51 -14.17 14.42
N GLU B 133 -6.49 -13.09 13.68
CA GLU B 133 -7.23 -11.92 14.12
C GLU B 133 -8.74 -12.19 14.08
N LEU B 134 -9.20 -12.87 13.04
CA LEU B 134 -10.60 -13.31 12.93
C LEU B 134 -11.00 -14.32 13.98
N ARG B 135 -10.17 -15.33 14.23
CA ARG B 135 -10.55 -16.33 15.19
C ARG B 135 -10.51 -15.86 16.63
N TYR B 136 -9.58 -14.97 16.94
CA TYR B 136 -9.34 -14.64 18.32
C TYR B 136 -9.52 -13.17 18.69
N GLY B 137 -9.55 -12.27 17.71
CA GLY B 137 -9.48 -10.83 17.98
C GLY B 137 -8.11 -10.29 18.40
N VAL B 138 -7.07 -11.08 18.25
CA VAL B 138 -5.72 -10.77 18.73
C VAL B 138 -4.60 -10.72 17.63
N ALA B 139 -3.97 -9.54 17.57
CA ALA B 139 -2.74 -9.24 16.81
C ALA B 139 -1.46 -9.58 17.63
N ARG B 140 -1.01 -10.84 17.53
CA ARG B 140 0.29 -11.29 18.02
C ARG B 140 1.57 -10.49 17.53
N SER B 141 2.49 -10.24 18.46
CA SER B 141 3.78 -9.63 18.13
C SER B 141 4.92 -10.61 18.44
N ASP B 142 5.33 -11.36 17.41
CA ASP B 142 6.51 -12.24 17.51
C ASP B 142 7.58 -11.73 16.54
C1 SHV C . 3.65 11.75 -7.53
O2 SHV C . 3.46 12.90 -7.84
C2 SHV C . 4.11 10.68 -8.49
C3 SHV C . 2.90 10.02 -9.14
C4 SHV C . 3.34 9.17 -10.27
C5 SHV C . 2.25 8.43 -10.94
C6 SHV C . 2.81 7.54 -12.04
C7 SHV C . 1.71 6.90 -12.81
C1 SHV D . -0.96 -16.41 2.64
O2 SHV D . -1.16 -17.51 3.08
C2 SHV D . -0.33 -16.15 1.30
C3 SHV D . 1.13 -15.85 1.48
C4 SHV D . 1.86 -15.84 0.19
C5 SHV D . 3.35 -16.04 0.33
C6 SHV D . 4.05 -15.84 -0.95
C7 SHV D . 5.54 -15.93 -0.79
#